data_7NZQ
#
_entry.id   7NZQ
#
_cell.length_a   47.909
_cell.length_b   121.013
_cell.length_c   70.537
_cell.angle_alpha   90.000
_cell.angle_beta   90.000
_cell.angle_gamma   90.000
#
_symmetry.space_group_name_H-M   'C 2 2 21'
#
loop_
_entity.id
_entity.type
_entity.pdbx_description
1 polymer 'D-lyxose/D-mannose family sugar isomerase'
2 non-polymer beta-D-mannopyranose
3 non-polymer 1,2-ETHANEDIOL
4 non-polymer DI(HYDROXYETHYL)ETHER
5 non-polymer 'MANGANESE (II) ION'
6 non-polymer 'PHOSPHATE ION'
7 water water
#
_entity_poly.entity_id   1
_entity_poly.type   'polypeptide(L)'
_entity_poly.pdbx_seq_one_letter_code
;MGHHHHHHHHHHSSGHIDDDDKHMMLTKELVKEAREKAIRMLEKACIAITDEEKEKIEVTDFGLGVLYTFGLEILVYVNN
ERYCAKELVMFPRQICPEHRHPPIGSYLGKQETFRCRWGEVYLYVPGTPTPNPRARIPEEKKRYFTVWHEIVLRPGEQYT
IPPNTLHWFQAGDEGAIVSEFSSQSIDEKDIFTDPNVKRIPEIV
;
_entity_poly.pdbx_strand_id   AAA
#
loop_
_chem_comp.id
_chem_comp.type
_chem_comp.name
_chem_comp.formula
BMA D-saccharide, beta linking beta-D-mannopyranose 'C6 H12 O6'
EDO non-polymer 1,2-ETHANEDIOL 'C2 H6 O2'
MN non-polymer 'MANGANESE (II) ION' 'Mn 2'
PEG non-polymer DI(HYDROXYETHYL)ETHER 'C4 H10 O3'
PO4 non-polymer 'PHOSPHATE ION' 'O4 P -3'
#
# COMPACT_ATOMS: atom_id res chain seq x y z
N HIS A 23 14.64 -1.85 13.97
CA HIS A 23 15.17 -1.50 12.62
C HIS A 23 15.80 -2.73 11.97
N MET A 24 14.96 -3.72 11.66
CA MET A 24 15.40 -5.07 11.40
C MET A 24 15.18 -5.47 9.95
N MET A 25 16.14 -6.22 9.40
CA MET A 25 15.96 -6.97 8.18
C MET A 25 14.73 -7.89 8.27
N LEU A 26 14.14 -8.16 7.09
CA LEU A 26 12.88 -8.85 6.96
C LEU A 26 13.09 -10.36 6.93
N THR A 27 12.94 -11.01 8.07
CA THR A 27 13.18 -12.45 8.24
C THR A 27 11.95 -13.26 7.88
N LYS A 28 12.15 -14.57 7.61
CA LYS A 28 11.09 -15.55 7.51
C LYS A 28 10.08 -15.41 8.65
N GLU A 29 10.54 -15.25 9.89
CA GLU A 29 9.63 -15.19 11.03
CA GLU A 29 9.63 -15.18 11.04
C GLU A 29 8.81 -13.89 11.04
N LEU A 30 9.41 -12.75 10.64
CA LEU A 30 8.69 -11.49 10.63
CA LEU A 30 8.69 -11.49 10.63
C LEU A 30 7.62 -11.53 9.54
N VAL A 31 7.97 -12.15 8.41
CA VAL A 31 7.06 -12.30 7.28
C VAL A 31 5.88 -13.17 7.73
N LYS A 32 6.17 -14.29 8.40
CA LYS A 32 5.09 -15.14 8.84
C LYS A 32 4.14 -14.39 9.79
N GLU A 33 4.72 -13.69 10.78
CA GLU A 33 3.94 -12.92 11.74
C GLU A 33 3.03 -11.89 11.03
N ALA A 34 3.59 -11.19 10.05
CA ALA A 34 2.81 -10.18 9.32
C ALA A 34 1.74 -10.83 8.43
N ARG A 35 2.07 -11.94 7.77
CA ARG A 35 1.08 -12.62 6.96
CA ARG A 35 1.08 -12.64 6.95
C ARG A 35 -0.10 -13.06 7.82
N GLU A 36 0.19 -13.63 8.99
CA GLU A 36 -0.86 -14.08 9.90
CA GLU A 36 -0.88 -14.07 9.88
C GLU A 36 -1.72 -12.91 10.37
N LYS A 37 -1.08 -11.75 10.61
CA LYS A 37 -1.86 -10.62 11.06
C LYS A 37 -2.78 -10.11 9.94
N ALA A 38 -2.26 -10.03 8.71
CA ALA A 38 -3.11 -9.64 7.56
C ALA A 38 -4.27 -10.63 7.38
N ILE A 39 -4.04 -11.93 7.54
CA ILE A 39 -5.10 -12.92 7.48
C ILE A 39 -6.16 -12.63 8.53
N ARG A 40 -5.73 -12.34 9.76
CA ARG A 40 -6.71 -12.04 10.80
C ARG A 40 -7.57 -10.85 10.39
N MET A 41 -6.92 -9.82 9.83
CA MET A 41 -7.65 -8.61 9.46
C MET A 41 -8.64 -8.91 8.34
N LEU A 42 -8.23 -9.73 7.36
CA LEU A 42 -9.11 -9.99 6.23
C LEU A 42 -10.34 -10.74 6.72
N GLU A 43 -10.11 -11.73 7.58
CA GLU A 43 -11.22 -12.56 8.05
C GLU A 43 -12.14 -11.77 8.97
N LYS A 44 -11.60 -10.85 9.75
CA LYS A 44 -12.41 -10.01 10.61
C LYS A 44 -13.29 -9.08 9.77
N ALA A 45 -12.82 -8.74 8.55
CA ALA A 45 -13.59 -7.93 7.62
C ALA A 45 -14.48 -8.79 6.73
N CYS A 46 -14.57 -10.09 7.04
CA CYS A 46 -15.45 -11.04 6.36
C CYS A 46 -15.00 -11.26 4.92
N ILE A 47 -13.71 -11.03 4.62
CA ILE A 47 -13.21 -11.28 3.27
C ILE A 47 -12.65 -12.69 3.25
N ALA A 48 -13.32 -13.59 2.53
CA ALA A 48 -12.89 -14.99 2.46
C ALA A 48 -11.60 -15.09 1.63
N ILE A 49 -10.66 -15.91 2.09
CA ILE A 49 -9.45 -16.14 1.29
CA ILE A 49 -9.41 -16.13 1.37
C ILE A 49 -9.11 -17.63 1.39
N THR A 50 -8.61 -18.19 0.29
CA THR A 50 -8.35 -19.63 0.31
C THR A 50 -7.03 -19.92 1.02
N ASP A 51 -6.80 -21.20 1.34
CA ASP A 51 -5.56 -21.58 2.01
C ASP A 51 -4.34 -21.26 1.16
N GLU A 52 -4.48 -21.44 -0.17
CA GLU A 52 -3.41 -21.16 -1.10
C GLU A 52 -3.14 -19.66 -1.09
N GLU A 53 -4.19 -18.84 -1.05
CA GLU A 53 -3.99 -17.39 -0.98
C GLU A 53 -3.30 -16.98 0.32
N LYS A 54 -3.65 -17.62 1.42
CA LYS A 54 -3.03 -17.30 2.70
C LYS A 54 -1.51 -17.42 2.61
N GLU A 55 -1.02 -18.42 1.85
CA GLU A 55 0.41 -18.66 1.75
CA GLU A 55 0.41 -18.66 1.75
C GLU A 55 1.04 -17.68 0.77
N LYS A 56 0.23 -17.00 -0.04
CA LYS A 56 0.77 -16.22 -1.13
CA LYS A 56 0.83 -16.23 -1.11
C LYS A 56 0.70 -14.72 -0.83
N ILE A 57 0.17 -14.38 0.34
CA ILE A 57 0.13 -12.96 0.66
C ILE A 57 1.55 -12.42 0.67
N GLU A 58 1.76 -11.27 0.04
CA GLU A 58 3.10 -10.71 -0.04
C GLU A 58 3.29 -9.72 1.09
N VAL A 59 4.42 -9.82 1.79
CA VAL A 59 4.75 -8.88 2.85
C VAL A 59 5.99 -8.11 2.40
N THR A 60 5.87 -6.80 2.24
CA THR A 60 6.99 -5.97 1.82
C THR A 60 7.22 -4.90 2.87
N ASP A 61 8.51 -4.70 3.23
CA ASP A 61 8.93 -3.57 4.04
C ASP A 61 9.59 -2.53 3.12
N PHE A 62 9.44 -2.67 1.80
CA PHE A 62 10.00 -1.72 0.84
C PHE A 62 11.52 -1.65 0.95
N GLY A 63 12.14 -2.63 1.63
CA GLY A 63 13.59 -2.62 1.80
C GLY A 63 14.04 -1.63 2.86
N LEU A 64 13.14 -1.05 3.65
CA LEU A 64 13.51 0.02 4.56
C LEU A 64 13.75 -0.48 5.99
N GLY A 65 13.45 -1.75 6.27
CA GLY A 65 13.76 -2.41 7.52
C GLY A 65 12.93 -2.04 8.74
N VAL A 66 11.79 -1.34 8.56
CA VAL A 66 10.87 -1.04 9.65
C VAL A 66 9.44 -1.30 9.15
N LEU A 67 9.12 -2.60 9.01
CA LEU A 67 7.89 -3.06 8.38
C LEU A 67 6.65 -2.41 9.00
N TYR A 68 6.58 -2.23 10.32
CA TYR A 68 5.38 -1.68 10.94
C TYR A 68 5.25 -0.16 10.76
N THR A 69 6.30 0.49 10.25
CA THR A 69 6.24 1.89 9.87
C THR A 69 5.98 2.04 8.35
N PHE A 70 6.83 1.41 7.53
CA PHE A 70 6.69 1.39 6.08
C PHE A 70 6.55 -0.05 5.61
N GLY A 71 5.37 -0.36 5.06
CA GLY A 71 5.10 -1.72 4.64
C GLY A 71 3.69 -1.86 4.08
N LEU A 72 3.47 -3.01 3.45
CA LEU A 72 2.17 -3.37 2.91
CA LEU A 72 2.20 -3.37 2.86
C LEU A 72 2.09 -4.89 2.88
N GLU A 73 0.88 -5.39 3.12
CA GLU A 73 0.66 -6.83 3.00
C GLU A 73 -0.39 -6.99 1.89
N ILE A 74 -0.06 -7.77 0.86
CA ILE A 74 -0.83 -7.67 -0.39
C ILE A 74 -1.30 -9.06 -0.81
N LEU A 75 -2.60 -9.15 -1.15
CA LEU A 75 -3.14 -10.34 -1.80
C LEU A 75 -3.49 -9.93 -3.22
N VAL A 76 -2.85 -10.57 -4.21
CA VAL A 76 -3.20 -10.34 -5.60
C VAL A 76 -4.30 -11.31 -5.97
N TYR A 77 -5.48 -10.77 -6.30
CA TYR A 77 -6.54 -11.63 -6.79
C TYR A 77 -6.26 -12.07 -8.21
N VAL A 78 -5.85 -11.14 -9.07
CA VAL A 78 -5.62 -11.47 -10.47
C VAL A 78 -4.79 -10.33 -11.05
N ASN A 79 -3.88 -10.62 -11.98
CA ASN A 79 -3.07 -9.58 -12.59
C ASN A 79 -2.64 -10.08 -13.96
N ASN A 80 -3.18 -9.46 -15.01
CA ASN A 80 -2.81 -9.84 -16.35
C ASN A 80 -2.74 -8.57 -17.18
N GLU A 81 -2.49 -8.71 -18.49
CA GLU A 81 -2.28 -7.51 -19.27
C GLU A 81 -3.56 -6.67 -19.35
N ARG A 82 -4.73 -7.28 -19.13
CA ARG A 82 -5.97 -6.56 -19.36
C ARG A 82 -6.60 -5.99 -18.08
N TYR A 83 -6.25 -6.50 -16.87
CA TYR A 83 -6.83 -5.93 -15.64
C TYR A 83 -6.08 -6.51 -14.43
N CYS A 84 -6.21 -5.84 -13.30
CA CYS A 84 -5.59 -6.33 -12.08
C CYS A 84 -6.55 -6.02 -10.94
N ALA A 85 -6.58 -6.90 -9.92
CA ALA A 85 -7.28 -6.53 -8.69
C ALA A 85 -6.49 -7.10 -7.52
N LYS A 86 -6.36 -6.29 -6.45
CA LYS A 86 -5.62 -6.70 -5.27
C LYS A 86 -6.37 -6.27 -4.02
N GLU A 87 -5.98 -6.85 -2.87
CA GLU A 87 -6.39 -6.38 -1.55
C GLU A 87 -5.12 -5.92 -0.83
N LEU A 88 -5.06 -4.63 -0.44
CA LEU A 88 -3.90 -4.10 0.22
C LEU A 88 -4.27 -3.97 1.69
N VAL A 89 -3.59 -4.74 2.53
CA VAL A 89 -3.85 -4.76 3.95
C VAL A 89 -2.77 -3.90 4.62
N MET A 90 -3.19 -3.01 5.55
CA MET A 90 -2.27 -2.07 6.17
C MET A 90 -2.50 -2.15 7.68
N PHE A 91 -1.43 -2.33 8.44
CA PHE A 91 -1.50 -2.37 9.88
C PHE A 91 -1.64 -0.94 10.36
N PRO A 92 -2.01 -0.73 11.64
CA PRO A 92 -2.20 0.64 12.13
C PRO A 92 -1.02 1.53 11.78
N ARG A 93 -1.33 2.67 11.13
CA ARG A 93 -0.40 3.70 10.72
C ARG A 93 0.74 3.22 9.80
N GLN A 94 0.61 2.02 9.21
CA GLN A 94 1.56 1.60 8.18
C GLN A 94 1.47 2.55 6.99
N ILE A 95 2.65 2.88 6.41
CA ILE A 95 2.73 3.80 5.30
C ILE A 95 3.20 3.07 4.05
N CYS A 96 2.58 3.40 2.92
CA CYS A 96 3.11 3.02 1.62
CA CYS A 96 3.11 3.04 1.62
C CYS A 96 3.91 4.22 1.10
N PRO A 97 5.24 4.09 0.94
CA PRO A 97 6.08 5.22 0.55
C PRO A 97 5.67 5.73 -0.82
N GLU A 98 6.06 6.99 -1.08
CA GLU A 98 5.62 7.70 -2.27
C GLU A 98 6.19 7.08 -3.53
N HIS A 99 5.32 6.89 -4.51
CA HIS A 99 5.78 6.31 -5.75
C HIS A 99 4.87 6.72 -6.89
N ARG A 100 5.31 6.44 -8.13
CA ARG A 100 4.46 6.60 -9.29
C ARG A 100 4.60 5.35 -10.17
N HIS A 101 3.55 5.01 -10.92
CA HIS A 101 3.51 3.86 -11.81
C HIS A 101 3.78 4.47 -13.19
N PRO A 102 5.03 4.42 -13.72
CA PRO A 102 5.33 5.21 -14.90
C PRO A 102 4.93 4.49 -16.19
N PRO A 103 4.89 5.21 -17.33
CA PRO A 103 4.89 4.55 -18.63
C PRO A 103 6.16 3.69 -18.75
N ILE A 104 6.00 2.59 -19.48
CA ILE A 104 7.09 1.67 -19.74
C ILE A 104 6.92 1.23 -21.20
N GLY A 105 7.85 1.64 -22.08
CA GLY A 105 7.63 1.34 -23.49
C GLY A 105 6.28 1.94 -23.92
N SER A 106 5.46 1.14 -24.59
CA SER A 106 4.19 1.67 -25.08
C SER A 106 3.05 1.49 -24.06
N TYR A 107 3.33 0.97 -22.86
CA TYR A 107 2.34 0.91 -21.79
C TYR A 107 2.22 2.29 -21.15
N LEU A 108 0.99 2.79 -20.99
CA LEU A 108 0.76 4.13 -20.45
C LEU A 108 1.25 4.21 -19.00
N GLY A 109 1.32 3.07 -18.32
CA GLY A 109 1.55 3.12 -16.88
C GLY A 109 0.24 2.73 -16.18
N LYS A 110 0.36 2.29 -14.93
CA LYS A 110 -0.83 1.77 -14.26
C LYS A 110 -1.73 2.92 -13.80
N GLN A 111 -3.02 2.82 -14.17
CA GLN A 111 -4.11 3.57 -13.57
C GLN A 111 -4.73 2.68 -12.50
N GLU A 112 -5.02 3.23 -11.32
CA GLU A 112 -5.63 2.41 -10.29
C GLU A 112 -6.76 3.16 -9.60
N THR A 113 -7.77 2.37 -9.20
CA THR A 113 -8.83 2.85 -8.33
C THR A 113 -8.66 2.13 -7.00
N PHE A 114 -8.63 2.91 -5.92
CA PHE A 114 -8.60 2.40 -4.56
C PHE A 114 -10.01 2.49 -3.97
N ARG A 115 -10.40 1.44 -3.22
CA ARG A 115 -11.66 1.45 -2.49
C ARG A 115 -11.35 1.01 -1.07
N CYS A 116 -11.61 1.85 -0.08
CA CYS A 116 -11.43 1.42 1.30
C CYS A 116 -12.52 0.40 1.64
N ARG A 117 -12.12 -0.75 2.18
CA ARG A 117 -13.11 -1.76 2.56
C ARG A 117 -13.37 -1.71 4.08
N TRP A 118 -12.36 -1.31 4.86
CA TRP A 118 -12.38 -1.50 6.31
C TRP A 118 -11.35 -0.54 6.89
N GLY A 119 -11.64 0.02 8.08
CA GLY A 119 -10.74 1.00 8.67
C GLY A 119 -10.80 2.36 7.97
N GLU A 120 -9.62 2.99 7.82
CA GLU A 120 -9.56 4.21 7.03
CA GLU A 120 -9.55 4.23 7.07
C GLU A 120 -8.12 4.45 6.61
N VAL A 121 -7.99 5.20 5.53
CA VAL A 121 -6.69 5.42 4.93
C VAL A 121 -6.63 6.87 4.47
N TYR A 122 -5.44 7.42 4.58
CA TYR A 122 -5.19 8.80 4.18
C TYR A 122 -4.30 8.71 2.95
N LEU A 123 -4.86 9.09 1.79
CA LEU A 123 -4.19 9.00 0.51
C LEU A 123 -3.73 10.39 0.14
N TYR A 124 -2.51 10.51 -0.41
CA TYR A 124 -2.01 11.83 -0.77
C TYR A 124 -1.65 11.80 -2.24
N VAL A 125 -2.08 12.84 -2.95
CA VAL A 125 -1.88 12.95 -4.38
C VAL A 125 -1.38 14.36 -4.69
N PRO A 126 -0.97 14.67 -5.94
CA PRO A 126 -0.53 16.03 -6.24
C PRO A 126 -1.72 16.99 -6.12
N GLY A 127 -1.39 18.24 -5.76
CA GLY A 127 -2.37 19.31 -5.73
C GLY A 127 -2.11 20.24 -4.55
N THR A 128 -3.05 21.15 -4.27
CA THR A 128 -2.91 22.09 -3.15
C THR A 128 -2.72 21.33 -1.83
N PRO A 129 -1.74 21.70 -0.99
CA PRO A 129 -1.53 21.03 0.30
C PRO A 129 -2.75 21.19 1.20
N THR A 130 -3.18 20.07 1.78
CA THR A 130 -4.29 20.01 2.71
C THR A 130 -3.78 20.52 4.04
N PRO A 131 -4.46 21.50 4.68
CA PRO A 131 -4.02 21.92 6.00
C PRO A 131 -4.44 20.81 6.96
N ASN A 132 -3.69 20.74 8.05
CA ASN A 132 -3.93 19.80 9.13
CA ASN A 132 -3.88 19.79 9.14
C ASN A 132 -4.02 18.38 8.56
N PRO A 133 -3.03 17.89 7.77
CA PRO A 133 -3.08 16.51 7.29
C PRO A 133 -3.11 15.54 8.46
N ARG A 134 -3.72 14.40 8.20
CA ARG A 134 -3.92 13.36 9.18
CA ARG A 134 -3.90 13.37 9.20
C ARG A 134 -2.67 12.50 9.37
N ALA A 135 -1.86 12.37 8.30
CA ALA A 135 -0.70 11.48 8.33
C ALA A 135 0.37 11.97 9.31
N ARG A 136 1.15 11.00 9.83
CA ARG A 136 2.30 11.21 10.68
CA ARG A 136 2.32 11.27 10.65
C ARG A 136 3.50 10.50 10.06
N ILE A 137 4.49 11.25 9.62
CA ILE A 137 5.66 10.75 8.90
CA ILE A 137 5.66 10.73 8.92
C ILE A 137 6.88 10.91 9.83
N PRO A 138 7.76 9.89 9.94
CA PRO A 138 9.03 10.04 10.67
C PRO A 138 9.81 11.24 10.14
N GLU A 139 10.49 11.96 11.04
CA GLU A 139 11.28 13.12 10.66
C GLU A 139 12.33 12.79 9.61
N GLU A 140 12.94 11.61 9.75
CA GLU A 140 13.99 11.11 8.87
CA GLU A 140 14.01 11.20 8.85
C GLU A 140 13.48 11.00 7.44
N LYS A 141 12.14 10.89 7.27
CA LYS A 141 11.62 10.48 5.97
C LYS A 141 10.79 11.58 5.31
N LYS A 142 10.59 12.68 6.03
CA LYS A 142 9.77 13.76 5.51
C LYS A 142 10.25 14.24 4.13
N ARG A 143 11.56 14.22 3.91
CA ARG A 143 12.08 14.65 2.62
C ARG A 143 11.51 13.82 1.47
N TYR A 144 10.94 12.62 1.73
CA TYR A 144 10.54 11.75 0.65
C TYR A 144 9.02 11.73 0.47
N PHE A 145 8.33 12.74 1.01
CA PHE A 145 6.91 12.91 0.72
C PHE A 145 6.71 14.29 0.10
N THR A 146 6.43 14.32 -1.19
CA THR A 146 6.41 15.57 -1.92
C THR A 146 5.00 16.00 -2.28
N VAL A 147 4.00 15.10 -2.28
CA VAL A 147 2.64 15.50 -2.57
C VAL A 147 1.81 15.44 -1.29
N TRP A 148 0.87 16.42 -1.12
CA TRP A 148 0.26 16.65 0.18
C TRP A 148 -1.22 17.02 0.07
N HIS A 149 -1.83 16.73 -1.09
CA HIS A 149 -3.26 16.92 -1.27
C HIS A 149 -3.96 15.68 -0.73
N GLU A 150 -4.71 15.82 0.37
CA GLU A 150 -5.21 14.66 1.13
C GLU A 150 -6.58 14.23 0.63
N ILE A 151 -6.75 12.91 0.46
CA ILE A 151 -8.05 12.29 0.23
C ILE A 151 -8.24 11.26 1.35
N VAL A 152 -9.19 11.48 2.27
CA VAL A 152 -9.43 10.49 3.30
C VAL A 152 -10.45 9.49 2.76
N LEU A 153 -10.15 8.17 2.83
CA LEU A 153 -11.12 7.18 2.40
C LEU A 153 -11.58 6.35 3.59
N ARG A 154 -12.91 6.30 3.78
CA ARG A 154 -13.54 5.49 4.78
C ARG A 154 -14.25 4.33 4.07
N PRO A 155 -14.75 3.29 4.76
CA PRO A 155 -15.26 2.11 4.06
C PRO A 155 -16.31 2.45 3.00
N GLY A 156 -16.15 1.84 1.83
CA GLY A 156 -17.03 2.11 0.70
C GLY A 156 -16.57 3.25 -0.22
N GLU A 157 -15.59 4.07 0.21
CA GLU A 157 -15.18 5.23 -0.59
C GLU A 157 -13.99 4.92 -1.50
N GLN A 158 -13.94 5.58 -2.65
CA GLN A 158 -12.97 5.30 -3.71
C GLN A 158 -12.28 6.58 -4.21
N TYR A 159 -11.12 6.38 -4.81
CA TYR A 159 -10.47 7.45 -5.56
CA TYR A 159 -10.44 7.43 -5.55
C TYR A 159 -9.65 6.77 -6.67
N THR A 160 -9.54 7.46 -7.83
CA THR A 160 -8.79 6.95 -8.97
C THR A 160 -7.55 7.82 -9.20
N ILE A 161 -6.38 7.16 -9.35
CA ILE A 161 -5.07 7.77 -9.56
C ILE A 161 -4.69 7.52 -11.03
N PRO A 162 -4.48 8.59 -11.85
CA PRO A 162 -4.05 8.39 -13.23
C PRO A 162 -2.62 7.88 -13.25
N PRO A 163 -2.16 7.32 -14.40
CA PRO A 163 -0.78 6.83 -14.49
C PRO A 163 0.24 7.94 -14.23
N ASN A 164 1.42 7.51 -13.80
CA ASN A 164 2.58 8.38 -13.61
C ASN A 164 2.30 9.53 -12.66
N THR A 165 1.49 9.28 -11.62
CA THR A 165 1.10 10.29 -10.65
C THR A 165 1.72 9.88 -9.30
N LEU A 166 2.44 10.81 -8.65
CA LEU A 166 3.05 10.48 -7.36
C LEU A 166 1.93 10.37 -6.31
N HIS A 167 2.04 9.38 -5.43
CA HIS A 167 1.04 9.21 -4.39
C HIS A 167 1.63 8.33 -3.29
N TRP A 168 0.99 8.38 -2.12
CA TRP A 168 1.41 7.56 -0.98
C TRP A 168 0.23 7.52 -0.04
N PHE A 169 0.26 6.61 0.92
CA PHE A 169 -0.88 6.54 1.83
C PHE A 169 -0.44 6.01 3.18
N GLN A 170 -1.21 6.42 4.21
CA GLN A 170 -1.00 5.92 5.55
C GLN A 170 -2.34 5.47 6.11
N ALA A 171 -2.37 4.26 6.69
CA ALA A 171 -3.59 3.76 7.34
C ALA A 171 -3.87 4.52 8.64
N GLY A 172 -5.14 4.53 9.08
CA GLY A 172 -5.43 5.19 10.35
C GLY A 172 -5.03 4.29 11.52
N ASP A 173 -5.48 4.68 12.72
CA ASP A 173 -5.00 4.05 13.94
C ASP A 173 -5.46 2.59 14.09
N GLU A 174 -6.46 2.15 13.33
CA GLU A 174 -6.83 0.74 13.46
CA GLU A 174 -6.94 0.77 13.40
C GLU A 174 -6.40 -0.05 12.23
N GLY A 175 -5.62 0.60 11.35
CA GLY A 175 -5.22 -0.06 10.09
C GLY A 175 -6.27 0.13 8.99
N ALA A 176 -6.12 -0.58 7.85
CA ALA A 176 -7.05 -0.40 6.73
C ALA A 176 -6.97 -1.64 5.87
N ILE A 177 -8.06 -1.92 5.17
CA ILE A 177 -7.94 -2.79 4.03
C ILE A 177 -8.41 -1.95 2.84
N VAL A 178 -7.57 -1.87 1.80
CA VAL A 178 -7.90 -1.08 0.63
C VAL A 178 -7.82 -1.97 -0.60
N SER A 179 -8.90 -1.98 -1.39
CA SER A 179 -8.91 -2.78 -2.61
C SER A 179 -8.32 -1.94 -3.73
N GLU A 180 -7.63 -2.60 -4.65
CA GLU A 180 -7.16 -1.96 -5.86
C GLU A 180 -7.86 -2.62 -7.04
N PHE A 181 -8.40 -1.79 -7.92
CA PHE A 181 -8.84 -2.23 -9.24
C PHE A 181 -8.00 -1.43 -10.23
N SER A 182 -7.34 -2.09 -11.18
CA SER A 182 -6.32 -1.33 -11.90
C SER A 182 -6.06 -1.96 -13.26
N SER A 183 -5.34 -1.19 -14.10
N SER A 183 -5.32 -1.22 -14.12
CA SER A 183 -4.70 -1.82 -15.24
CA SER A 183 -5.15 -1.59 -15.52
C SER A 183 -3.61 -2.73 -14.70
C SER A 183 -4.25 -2.81 -15.69
N GLN A 184 -3.04 -3.52 -15.59
N GLN A 184 -3.19 -2.89 -14.88
CA GLN A 184 -2.00 -4.44 -15.18
CA GLN A 184 -2.17 -3.92 -14.97
C GLN A 184 -0.99 -3.74 -14.26
C GLN A 184 -1.03 -3.54 -14.04
N SER A 185 -0.58 -4.49 -13.22
CA SER A 185 0.44 -4.15 -12.23
C SER A 185 1.80 -4.74 -12.61
N ILE A 186 2.83 -3.88 -12.60
CA ILE A 186 4.23 -4.26 -12.83
C ILE A 186 5.07 -3.60 -11.75
N ASP A 187 5.05 -4.20 -10.55
CA ASP A 187 5.53 -3.53 -9.36
C ASP A 187 7.03 -3.23 -9.48
N GLU A 188 7.76 -4.11 -10.19
CA GLU A 188 9.21 -4.03 -10.40
CA GLU A 188 9.22 -3.96 -10.27
C GLU A 188 9.60 -2.72 -11.07
N LYS A 189 8.66 -2.10 -11.81
CA LYS A 189 8.94 -0.87 -12.55
C LYS A 189 8.43 0.40 -11.86
N ASP A 190 7.80 0.29 -10.69
CA ASP A 190 7.43 1.50 -9.98
C ASP A 190 8.68 2.32 -9.64
N ILE A 191 8.48 3.65 -9.56
CA ILE A 191 9.52 4.61 -9.23
C ILE A 191 9.15 5.24 -7.88
N PHE A 192 10.09 5.17 -6.91
CA PHE A 192 9.88 5.62 -5.55
C PHE A 192 10.73 6.86 -5.29
N THR A 193 10.10 7.85 -4.65
CA THR A 193 10.82 9.07 -4.30
C THR A 193 12.01 8.75 -3.38
N ASP A 194 11.79 7.84 -2.41
CA ASP A 194 12.83 7.50 -1.44
C ASP A 194 13.85 6.59 -2.12
N PRO A 195 15.13 7.03 -2.29
CA PRO A 195 16.12 6.25 -3.04
C PRO A 195 16.46 4.95 -2.34
N ASN A 196 16.09 4.84 -1.05
CA ASN A 196 16.39 3.66 -0.26
C ASN A 196 15.43 2.52 -0.58
N VAL A 197 14.32 2.81 -1.24
CA VAL A 197 13.31 1.78 -1.40
C VAL A 197 13.75 0.75 -2.43
N LYS A 198 13.62 -0.52 -2.07
CA LYS A 198 13.70 -1.62 -3.02
CA LYS A 198 13.70 -1.62 -3.02
C LYS A 198 12.43 -2.42 -2.89
N ARG A 199 11.57 -2.33 -3.91
CA ARG A 199 10.21 -2.84 -3.87
C ARG A 199 10.14 -4.34 -3.51
N ILE A 200 11.05 -5.16 -4.06
CA ILE A 200 10.98 -6.60 -3.88
C ILE A 200 12.10 -7.06 -2.92
C1 BMA B . 0.34 0.74 -4.25
C2 BMA B . -0.38 -0.19 -5.20
C3 BMA B . 0.18 -1.61 -5.10
C4 BMA B . 1.71 -1.69 -5.30
C5 BMA B . 2.32 -0.66 -4.33
C6 BMA B . 3.85 -0.56 -4.38
O1 BMA B . -0.13 2.06 -4.58
O2 BMA B . -0.15 0.34 -6.52
O3 BMA B . -0.38 -2.38 -6.16
O4 BMA B . 2.21 -3.06 -5.14
O5 BMA B . 1.75 0.64 -4.66
O6 BMA B . 4.47 -0.95 -5.63
C1 EDO C . -3.47 -20.35 13.48
O1 EDO C . -4.00 -19.68 14.61
C2 EDO C . -2.54 -19.55 12.65
O2 EDO C . -1.75 -20.34 11.78
C1 PEG D . -3.56 -15.65 -9.14
O1 PEG D . -4.53 -15.28 -10.10
C2 PEG D . -2.73 -14.49 -8.69
O2 PEG D . -2.32 -13.74 -9.83
C3 PEG D . -0.93 -13.45 -9.86
C4 PEG D . -0.28 -14.16 -11.00
O4 PEG D . -0.18 -13.36 -12.17
C1 EDO E . 3.29 18.68 5.91
O1 EDO E . 2.13 19.43 6.24
C2 EDO E . 3.75 19.01 4.54
O2 EDO E . 4.81 19.94 4.49
MN MN F . -0.13 2.89 -6.48
P PO4 G . -4.98 -8.01 15.09
O1 PO4 G . -3.44 -8.11 15.23
O2 PO4 G . -5.66 -9.39 15.44
O3 PO4 G . -5.25 -7.62 13.59
O4 PO4 G . -5.56 -6.91 16.03
#